data_8XTQ
#
_entry.id   8XTQ
#
_cell.length_a   1.00
_cell.length_b   1.00
_cell.length_c   1.00
_cell.angle_alpha   90.00
_cell.angle_beta   90.00
_cell.angle_gamma   90.00
#
_symmetry.space_group_name_H-M   'P 1'
#
loop_
_entity.id
_entity.type
_entity.pdbx_description
1 polymer 'RNA (808-MER)'
2 non-polymer 'POTASSIUM ION'
3 non-polymer 'MAGNESIUM ION'
#
_entity_poly.entity_id   1
_entity_poly.type   'polyribonucleotide'
_entity_poly.pdbx_seq_one_letter_code
;CCGGGGCGCCACCCCGGAAGUGAUGCGAGUCGCCAACUCGCAUCACAAGCAAACGCUGUAGCCGCGUGCCUCUAAUAGGG
CUGGCGCGGUUGCGAAGGGCGCUGGUGAGUGCAACUCUCACCUUCGACCCAAUCCAUCUUGCGGCUCAACCCCGCAAGAU
CAUCGCCAGACCGCUGGCGGCGUACUGAGUGACAAACGAGGCAAAACCAAAUUGAAGUUGGGCGACCGUGAAACGGCGCU
GGGCAGGAAAUGGCCCAGUGACCUGGUCAAUGGUGAAAGUCGGUGAAAGACCGACCGGUGGGGCGUAUCGAAAGAGCGCA
ACACCUGCCGCACAGGAUGGCUUCUGAGGUACCGGUGACGGUACAGAACGCGGAGGGGAAACCUGGAAGCGAGGGCACCU
CGGGAAACCGGGGGUCGAUGCAUAGCUCAAACCUGUAACGGCACCAGUGGAGGGUGCUGUGCGGAGCAACGUGGAGCCAC
AGGCAUGAAGCCGUGGUUCGUAGUCGAUGAGACAAGCGGUGAGUAAGGGAAGGGCUGCGAACAUCGCCUCCCCGAAAUCC
AAGGAAAGCCGAAAGGCUAGCCGCUUUGUUGAGACAGUGGCGCCACGUUGCGCAUUAGCCGUGACCUAAACGGGGAACCU
CUUGGCCGUACCGACUCGGGUGGCACCGGUCGGGCUCGAUGGCUCAAGAGGGGGAGAUGUGAUGAUUAGGGUUUGACCCG
UGAUGCGAUACGACCGAAGCAUCCGGGGAGCUGUCUGACGAAGAGUCGGCAGCAGUGGGUUUGGCGACCCGCUCCGAAAG
UCGCAAGC
;
_entity_poly.pdbx_strand_id   A
#